data_6GF6
#
_entry.id   6GF6
#
_cell.length_a   75.980
_cell.length_b   75.980
_cell.length_c   101.880
_cell.angle_alpha   90.00
_cell.angle_beta   90.00
_cell.angle_gamma   90.00
#
_symmetry.space_group_name_H-M   'P 41 21 2'
#
loop_
_entity.id
_entity.type
_entity.pdbx_description
1 polymer 'Zona pellucida sperm-binding protein 1,Zona pellucida sperm-binding protein 1'
2 non-polymer 2-acetamido-2-deoxy-beta-D-glucopyranose
3 non-polymer GLYCEROL
4 water water
#
_entity_poly.entity_id   1
_entity_poly.type   'polypeptide(L)'
_entity_poly.pdbx_seq_one_letter_code
;DAAQPALLQYHYDCGDFGMQLLAYPTRGRTVHFKVLDEFGTRFEVANCSICMHWLNTGEDGGLIFSAGYEGCHVLVKDGR
YVLRVQLEEMLLSGVVAASYEVQMTCPRPAGYEILRDEKVHHHHHHHHQRPDRGNS
;
_entity_poly.pdbx_strand_id   A,B
#
loop_
_chem_comp.id
_chem_comp.type
_chem_comp.name
_chem_comp.formula
GOL non-polymer GLYCEROL 'C3 H8 O3'
NAG D-saccharide, beta linking 2-acetamido-2-deoxy-beta-D-glucopyranose 'C8 H15 N O6'
#
# COMPACT_ATOMS: atom_id res chain seq x y z
N GLN A 4 21.71 -19.35 11.28
CA GLN A 4 21.27 -18.33 10.34
C GLN A 4 21.03 -17.01 11.07
N PRO A 5 22.10 -16.45 11.64
CA PRO A 5 21.95 -15.22 12.43
C PRO A 5 21.47 -14.06 11.57
N ALA A 6 20.53 -13.29 12.12
CA ALA A 6 19.95 -12.13 11.43
C ALA A 6 20.56 -10.87 12.02
N LEU A 7 21.64 -10.40 11.42
CA LEU A 7 22.50 -9.38 12.00
C LEU A 7 22.51 -8.08 11.20
N LEU A 8 21.56 -7.89 10.29
CA LEU A 8 21.53 -6.67 9.49
C LEU A 8 21.48 -5.44 10.38
N GLN A 9 22.40 -4.51 10.13
CA GLN A 9 22.44 -3.24 10.82
C GLN A 9 21.63 -2.22 10.03
N TYR A 10 20.71 -1.54 10.71
CA TYR A 10 19.88 -0.53 10.08
C TYR A 10 19.37 0.44 11.13
N HIS A 11 18.97 1.61 10.66
CA HIS A 11 18.37 2.63 11.51
C HIS A 11 17.65 3.59 10.58
N TYR A 12 16.87 4.49 11.16
CA TYR A 12 16.20 5.52 10.38
C TYR A 12 16.41 6.88 11.03
N ASP A 13 16.40 7.90 10.19
CA ASP A 13 16.60 9.27 10.60
C ASP A 13 15.39 10.10 10.20
N CYS A 14 14.96 10.98 11.10
CA CYS A 14 13.83 11.87 10.85
C CYS A 14 14.36 13.20 10.33
N GLY A 15 13.93 13.59 9.13
CA GLY A 15 14.29 14.85 8.53
C GLY A 15 13.19 15.90 8.65
N ASP A 16 13.34 16.96 7.85
CA ASP A 16 12.38 18.07 7.89
C ASP A 16 11.13 17.79 7.06
N PHE A 17 11.30 17.22 5.87
CA PHE A 17 10.18 16.94 4.97
C PHE A 17 9.95 15.46 4.77
N GLY A 18 10.87 14.61 5.22
CA GLY A 18 10.70 13.18 5.09
C GLY A 18 11.63 12.44 6.03
N MET A 19 11.67 11.12 5.88
CA MET A 19 12.52 10.28 6.71
C MET A 19 13.22 9.25 5.84
N GLN A 20 14.36 8.76 6.33
CA GLN A 20 15.20 7.83 5.59
C GLN A 20 15.48 6.59 6.43
N LEU A 21 15.35 5.43 5.81
CA LEU A 21 15.66 4.15 6.41
C LEU A 21 16.94 3.66 5.74
N LEU A 22 17.97 3.44 6.54
CA LEU A 22 19.29 3.08 6.05
C LEU A 22 19.63 1.67 6.54
N ALA A 23 20.05 0.81 5.61
CA ALA A 23 20.45 -0.54 5.93
C ALA A 23 21.82 -0.81 5.33
N TYR A 24 22.64 -1.57 6.05
CA TYR A 24 24.04 -1.80 5.66
C TYR A 24 24.30 -3.30 5.56
N PRO A 25 23.90 -3.93 4.48
CA PRO A 25 24.16 -5.35 4.32
C PRO A 25 25.63 -5.63 4.02
N THR A 26 26.10 -6.78 4.49
CA THR A 26 27.47 -7.23 4.30
C THR A 26 27.52 -8.32 3.23
N ARG A 27 28.74 -8.77 2.92
CA ARG A 27 28.95 -9.93 2.05
C ARG A 27 28.27 -9.80 0.70
N GLY A 28 28.20 -8.58 0.16
CA GLY A 28 27.59 -8.42 -1.14
C GLY A 28 26.08 -8.50 -1.15
N ARG A 29 25.46 -8.72 -0.01
CA ARG A 29 24.00 -8.85 0.04
C ARG A 29 23.36 -7.50 -0.24
N THR A 30 22.07 -7.54 -0.54
CA THR A 30 21.29 -6.33 -0.75
C THR A 30 20.01 -6.39 0.08
N VAL A 31 19.25 -5.31 0.05
CA VAL A 31 18.03 -5.18 0.85
C VAL A 31 16.92 -4.61 -0.03
N HIS A 32 15.77 -5.27 0.00
CA HIS A 32 14.56 -4.79 -0.62
C HIS A 32 13.59 -4.34 0.46
N PHE A 33 12.92 -3.22 0.22
CA PHE A 33 12.00 -2.64 1.18
C PHE A 33 10.57 -2.87 0.74
N LYS A 34 9.71 -3.18 1.71
CA LYS A 34 8.28 -3.33 1.45
C LYS A 34 7.50 -2.55 2.51
N VAL A 35 6.55 -1.74 2.05
CA VAL A 35 5.66 -1.05 2.97
C VAL A 35 4.52 -2.00 3.34
N LEU A 36 4.14 -1.95 4.61
CA LEU A 36 3.08 -2.78 5.15
C LEU A 36 1.90 -1.89 5.53
N ASP A 37 0.68 -2.30 5.16
CA ASP A 37 -0.49 -1.56 5.57
C ASP A 37 -1.20 -2.31 6.70
N GLU A 38 -2.29 -1.73 7.20
CA GLU A 38 -2.98 -2.28 8.36
C GLU A 38 -3.59 -3.66 8.09
N PHE A 39 -3.65 -4.09 6.84
CA PHE A 39 -4.20 -5.40 6.48
C PHE A 39 -3.11 -6.43 6.23
N GLY A 40 -1.85 -6.07 6.48
CA GLY A 40 -0.76 -6.98 6.26
C GLY A 40 -0.29 -7.09 4.84
N THR A 41 -0.83 -6.28 3.93
CA THR A 41 -0.38 -6.30 2.54
C THR A 41 1.00 -5.65 2.42
N ARG A 42 1.82 -6.22 1.55
CA ARG A 42 3.20 -5.82 1.33
C ARG A 42 3.33 -5.10 -0.01
N PHE A 43 3.77 -3.85 0.02
CA PHE A 43 3.92 -3.02 -1.17
C PHE A 43 5.39 -2.85 -1.49
N GLU A 44 5.83 -3.39 -2.62
CA GLU A 44 7.21 -3.18 -3.06
C GLU A 44 7.51 -1.70 -3.21
N VAL A 45 8.67 -1.30 -2.72
CA VAL A 45 9.09 0.10 -2.81
C VAL A 45 9.85 0.25 -4.12
N ALA A 46 9.40 1.20 -4.93
CA ALA A 46 10.04 1.61 -6.17
C ALA A 46 10.04 3.12 -6.25
N ASN A 47 11.00 3.67 -6.99
CA ASN A 47 10.99 5.11 -7.21
C ASN A 47 9.65 5.55 -7.74
N CYS A 48 9.04 6.51 -7.04
CA CYS A 48 7.74 7.05 -7.39
C CYS A 48 7.67 8.44 -6.79
N SER A 49 7.95 9.43 -7.62
CA SER A 49 8.08 10.79 -7.11
C SER A 49 6.75 11.31 -6.56
N ILE A 50 5.63 10.98 -7.19
CA ILE A 50 4.36 11.50 -6.68
C ILE A 50 3.99 10.87 -5.35
N CYS A 51 4.52 9.67 -5.04
CA CYS A 51 4.36 9.04 -3.75
C CYS A 51 5.40 9.50 -2.74
N MET A 52 6.42 10.23 -3.19
CA MET A 52 7.54 10.63 -2.33
C MET A 52 8.29 9.41 -1.80
N HIS A 53 8.53 8.45 -2.68
CA HIS A 53 9.36 7.30 -2.37
C HIS A 53 10.56 7.28 -3.30
N TRP A 54 11.74 7.05 -2.75
CA TRP A 54 12.96 6.98 -3.54
C TRP A 54 13.89 5.96 -2.91
N LEU A 55 14.69 5.32 -3.76
CA LEU A 55 15.68 4.35 -3.33
C LEU A 55 17.05 4.84 -3.78
N ASN A 56 18.01 4.82 -2.87
CA ASN A 56 19.37 5.23 -3.18
C ASN A 56 20.33 4.32 -2.45
N THR A 57 21.56 4.27 -2.98
CA THR A 57 22.66 3.57 -2.33
C THR A 57 23.67 4.62 -1.91
N GLY A 58 23.99 4.64 -0.63
CA GLY A 58 24.95 5.61 -0.13
C GLY A 58 26.36 5.31 -0.61
N GLU A 59 27.24 6.29 -0.42
CA GLU A 59 28.63 6.13 -0.79
C GLU A 59 29.34 5.11 0.11
N ASP A 60 28.77 4.81 1.27
CA ASP A 60 29.29 3.83 2.19
C ASP A 60 28.77 2.41 1.92
N GLY A 61 28.03 2.23 0.84
CA GLY A 61 27.45 0.94 0.52
C GLY A 61 26.11 0.67 1.18
N GLY A 62 25.62 1.58 2.00
CA GLY A 62 24.32 1.39 2.61
C GLY A 62 23.19 1.67 1.63
N LEU A 63 22.07 0.99 1.86
CA LEU A 63 20.89 1.13 1.02
C LEU A 63 19.89 2.00 1.75
N ILE A 64 19.29 2.95 1.02
CA ILE A 64 18.49 4.01 1.63
C ILE A 64 17.10 4.01 1.00
N PHE A 65 16.09 3.92 1.84
CA PHE A 65 14.71 4.18 1.45
C PHE A 65 14.29 5.50 2.07
N SER A 66 13.98 6.47 1.22
CA SER A 66 13.57 7.80 1.66
C SER A 66 12.10 7.95 1.37
N ALA A 67 11.37 8.47 2.35
CA ALA A 67 9.93 8.62 2.25
C ALA A 67 9.56 9.99 2.77
N GLY A 68 8.86 10.76 1.95
CA GLY A 68 8.34 12.03 2.41
C GLY A 68 7.24 11.80 3.43
N TYR A 69 7.16 12.72 4.39
CA TYR A 69 6.15 12.58 5.44
C TYR A 69 4.75 12.59 4.86
N GLU A 70 4.56 13.22 3.71
CA GLU A 70 3.26 13.27 3.05
C GLU A 70 3.16 12.30 1.89
N GLY A 71 3.99 11.25 1.87
CA GLY A 71 3.99 10.29 0.79
C GLY A 71 3.06 9.11 1.03
N CYS A 72 3.07 8.19 0.07
CA CYS A 72 2.12 7.07 0.09
C CYS A 72 2.33 6.20 1.32
N HIS A 73 1.23 5.88 1.99
CA HIS A 73 1.13 5.00 3.15
C HIS A 73 1.71 5.57 4.43
N VAL A 74 2.22 6.79 4.42
CA VAL A 74 2.63 7.45 5.66
C VAL A 74 1.40 7.98 6.35
N LEU A 75 1.19 7.56 7.60
CA LEU A 75 0.00 7.93 8.34
C LEU A 75 0.37 8.92 9.44
N VAL A 76 -0.62 9.72 9.84
CA VAL A 76 -0.48 10.61 10.98
C VAL A 76 -1.18 9.93 12.16
N LYS A 77 -0.41 9.66 13.21
CA LYS A 77 -0.93 9.01 14.40
C LYS A 77 -0.33 9.69 15.62
N ASP A 78 -1.19 10.17 16.53
CA ASP A 78 -0.73 10.83 17.75
C ASP A 78 0.20 12.00 17.42
N GLY A 79 -0.16 12.77 16.40
CA GLY A 79 0.67 13.89 15.97
C GLY A 79 2.04 13.49 15.47
N ARG A 80 2.16 12.33 14.84
CA ARG A 80 3.45 11.86 14.35
C ARG A 80 3.25 11.10 13.04
N TYR A 81 4.24 11.20 12.16
CA TYR A 81 4.25 10.44 10.91
C TYR A 81 4.72 9.02 11.18
N VAL A 82 3.99 8.04 10.67
CA VAL A 82 4.28 6.63 10.96
C VAL A 82 4.26 5.84 9.66
N LEU A 83 5.31 5.05 9.44
CA LEU A 83 5.39 4.18 8.28
C LEU A 83 5.96 2.84 8.74
N ARG A 84 5.25 1.75 8.43
CA ARG A 84 5.69 0.41 8.81
C ARG A 84 6.34 -0.25 7.59
N VAL A 85 7.57 -0.73 7.76
CA VAL A 85 8.37 -1.21 6.65
C VAL A 85 8.99 -2.56 6.97
N GLN A 86 9.01 -3.45 5.99
CA GLN A 86 9.69 -4.72 6.07
C GLN A 86 11.01 -4.63 5.29
N LEU A 87 12.10 -5.04 5.93
CA LEU A 87 13.40 -5.10 5.26
C LEU A 87 13.70 -6.56 4.95
N GLU A 88 13.96 -6.85 3.68
CA GLU A 88 14.29 -8.20 3.24
C GLU A 88 15.78 -8.24 2.89
N GLU A 89 16.56 -8.87 3.76
CA GLU A 89 17.97 -9.10 3.50
C GLU A 89 18.11 -10.23 2.49
N MET A 90 18.77 -9.95 1.38
CA MET A 90 18.72 -10.84 0.22
C MET A 90 20.11 -11.12 -0.33
N LEU A 91 20.30 -12.37 -0.75
CA LEU A 91 21.46 -12.69 -1.57
C LEU A 91 21.17 -12.26 -3.01
N LEU A 92 22.24 -12.11 -3.79
CA LEU A 92 22.13 -11.70 -5.18
C LEU A 92 21.34 -12.70 -6.02
N SER A 93 21.07 -13.89 -5.49
CA SER A 93 20.23 -14.87 -6.17
C SER A 93 18.75 -14.53 -6.07
N GLY A 94 18.37 -13.60 -5.19
CA GLY A 94 16.98 -13.24 -4.97
C GLY A 94 16.33 -13.89 -3.76
N VAL A 95 17.04 -14.74 -3.05
CA VAL A 95 16.44 -15.39 -1.89
C VAL A 95 16.54 -14.47 -0.67
N VAL A 96 15.50 -14.46 0.14
CA VAL A 96 15.50 -13.69 1.38
C VAL A 96 16.21 -14.51 2.44
N ALA A 97 17.31 -13.98 2.97
CA ALA A 97 18.01 -14.66 4.06
C ALA A 97 17.36 -14.34 5.40
N ALA A 98 16.88 -13.12 5.58
CA ALA A 98 16.23 -12.73 6.82
C ALA A 98 15.28 -11.58 6.51
N SER A 99 14.27 -11.44 7.37
CA SER A 99 13.25 -10.42 7.19
C SER A 99 13.10 -9.67 8.51
N TYR A 100 13.14 -8.34 8.44
CA TYR A 100 13.06 -7.49 9.60
C TYR A 100 11.92 -6.49 9.43
N GLU A 101 11.26 -6.15 10.53
CA GLU A 101 10.17 -5.19 10.52
C GLU A 101 10.51 -4.03 11.44
N VAL A 102 10.27 -2.82 10.96
CA VAL A 102 10.55 -1.60 11.70
C VAL A 102 9.38 -0.66 11.54
N GLN A 103 9.00 0.01 12.63
CA GLN A 103 8.00 1.06 12.60
C GLN A 103 8.73 2.40 12.73
N MET A 104 8.77 3.15 11.64
CA MET A 104 9.41 4.46 11.63
C MET A 104 8.42 5.50 12.15
N THR A 105 8.75 6.13 13.28
CA THR A 105 7.89 7.15 13.87
C THR A 105 8.65 8.47 13.94
N CYS A 106 8.14 9.49 13.27
CA CYS A 106 8.81 10.77 13.21
C CYS A 106 7.83 11.89 13.51
N PRO A 107 8.23 12.90 14.29
CA PRO A 107 9.51 12.98 15.03
C PRO A 107 9.59 11.94 16.14
N ARG A 108 10.81 11.57 16.54
CA ARG A 108 10.99 10.68 17.66
C ARG A 108 10.69 11.42 18.97
N PRO A 109 10.26 10.69 20.02
CA PRO A 109 10.02 9.25 20.05
C PRO A 109 8.61 8.90 19.56
N LEU B 7 -20.54 -15.20 -10.22
CA LEU B 7 -20.06 -16.31 -9.41
C LEU B 7 -18.64 -16.03 -8.89
N LEU B 8 -18.13 -14.83 -9.17
CA LEU B 8 -16.84 -14.41 -8.64
C LEU B 8 -16.94 -14.22 -7.13
N GLN B 9 -16.00 -14.79 -6.39
CA GLN B 9 -15.96 -14.62 -4.94
C GLN B 9 -15.14 -13.39 -4.57
N TYR B 10 -15.74 -12.50 -3.79
CA TYR B 10 -15.04 -11.30 -3.34
C TYR B 10 -15.70 -10.77 -2.07
N HIS B 11 -14.95 -9.95 -1.35
CA HIS B 11 -15.43 -9.26 -0.17
C HIS B 11 -14.48 -8.10 0.10
N TYR B 12 -14.89 -7.19 0.97
CA TYR B 12 -14.06 -6.05 1.34
C TYR B 12 -14.07 -5.85 2.86
N ASP B 13 -12.99 -5.23 3.33
CA ASP B 13 -12.78 -4.95 4.75
C ASP B 13 -12.64 -3.46 4.97
N CYS B 14 -13.28 -2.96 6.03
CA CYS B 14 -13.11 -1.58 6.47
C CYS B 14 -12.07 -1.55 7.58
N GLY B 15 -10.98 -0.84 7.35
CA GLY B 15 -9.95 -0.65 8.35
C GLY B 15 -10.05 0.71 9.02
N ASP B 16 -9.00 1.04 9.78
CA ASP B 16 -8.98 2.31 10.50
C ASP B 16 -8.57 3.47 9.59
N PHE B 17 -7.71 3.23 8.61
CA PHE B 17 -7.22 4.28 7.73
C PHE B 17 -7.61 4.10 6.28
N GLY B 18 -8.02 2.90 5.87
CA GLY B 18 -8.44 2.65 4.52
C GLY B 18 -9.27 1.40 4.44
N MET B 19 -9.45 0.91 3.22
CA MET B 19 -10.24 -0.29 2.97
C MET B 19 -9.55 -1.12 1.89
N GLN B 20 -9.92 -2.40 1.83
CA GLN B 20 -9.36 -3.31 0.84
C GLN B 20 -10.46 -4.21 0.30
N LEU B 21 -10.39 -4.49 -1.00
CA LEU B 21 -11.32 -5.36 -1.71
C LEU B 21 -10.57 -6.59 -2.20
N LEU B 22 -11.02 -7.78 -1.80
CA LEU B 22 -10.35 -9.02 -2.15
C LEU B 22 -11.23 -9.84 -3.09
N ALA B 23 -10.64 -10.30 -4.19
CA ALA B 23 -11.35 -11.08 -5.20
C ALA B 23 -10.58 -12.36 -5.49
N TYR B 24 -11.31 -13.44 -5.74
CA TYR B 24 -10.73 -14.77 -5.90
C TYR B 24 -11.20 -15.38 -7.23
N PRO B 25 -10.55 -15.00 -8.33
CA PRO B 25 -10.93 -15.56 -9.63
C PRO B 25 -10.51 -17.02 -9.78
N THR B 26 -11.23 -17.73 -10.64
CA THR B 26 -11.04 -19.17 -10.79
C THR B 26 -9.94 -19.47 -11.79
N ARG B 27 -9.66 -20.76 -11.99
CA ARG B 27 -8.60 -21.24 -12.86
C ARG B 27 -8.46 -20.41 -14.12
N GLY B 28 -7.27 -19.82 -14.30
CA GLY B 28 -6.88 -19.09 -15.49
C GLY B 28 -7.52 -17.74 -15.69
N ARG B 29 -8.55 -17.38 -14.93
CA ARG B 29 -9.13 -16.06 -15.04
C ARG B 29 -8.36 -15.04 -14.20
N THR B 30 -8.58 -13.77 -14.49
CA THR B 30 -8.05 -12.70 -13.66
C THR B 30 -9.15 -11.67 -13.46
N VAL B 31 -8.85 -10.63 -12.69
CA VAL B 31 -9.79 -9.56 -12.37
C VAL B 31 -9.08 -8.24 -12.63
N HIS B 32 -9.76 -7.34 -13.33
CA HIS B 32 -9.29 -5.98 -13.50
C HIS B 32 -10.19 -5.04 -12.69
N PHE B 33 -9.55 -4.10 -11.99
CA PHE B 33 -10.25 -3.16 -11.11
C PHE B 33 -10.26 -1.77 -11.74
N LYS B 34 -11.39 -1.09 -11.61
CA LYS B 34 -11.52 0.30 -12.03
C LYS B 34 -12.31 1.06 -10.99
N VAL B 35 -11.85 2.28 -10.68
CA VAL B 35 -12.53 3.16 -9.75
C VAL B 35 -13.59 3.94 -10.51
N LEU B 36 -14.79 4.06 -9.91
CA LEU B 36 -15.91 4.74 -10.51
C LEU B 36 -16.21 6.04 -9.77
N ASP B 37 -16.51 7.09 -10.53
CA ASP B 37 -16.99 8.35 -9.96
C ASP B 37 -18.48 8.47 -10.23
N GLU B 38 -19.09 9.55 -9.74
CA GLU B 38 -20.53 9.73 -9.87
C GLU B 38 -20.98 9.90 -11.33
N PHE B 39 -20.05 10.09 -12.26
CA PHE B 39 -20.40 10.22 -13.67
C PHE B 39 -20.20 8.93 -14.44
N GLY B 40 -19.84 7.84 -13.78
CA GLY B 40 -19.62 6.59 -14.48
C GLY B 40 -18.27 6.43 -15.14
N THR B 41 -17.33 7.35 -14.92
CA THR B 41 -16.00 7.18 -15.50
C THR B 41 -15.28 6.04 -14.82
N ARG B 42 -14.49 5.29 -15.59
CA ARG B 42 -13.76 4.14 -15.07
C ARG B 42 -12.27 4.51 -15.06
N PHE B 43 -11.70 4.62 -13.86
CA PHE B 43 -10.33 5.07 -13.68
C PHE B 43 -9.44 3.86 -13.46
N GLU B 44 -8.45 3.71 -14.32
CA GLU B 44 -7.43 2.69 -14.16
C GLU B 44 -6.66 2.91 -12.86
N VAL B 45 -6.34 1.81 -12.19
CA VAL B 45 -5.60 1.84 -10.94
C VAL B 45 -4.12 1.66 -11.21
N ALA B 46 -3.30 2.58 -10.70
CA ALA B 46 -1.85 2.43 -10.76
C ALA B 46 -1.26 2.68 -9.37
N ASN B 47 -0.24 1.88 -9.04
CA ASN B 47 0.44 1.99 -7.75
C ASN B 47 1.02 3.39 -7.54
N CYS B 48 1.81 3.86 -8.50
CA CYS B 48 2.49 5.15 -8.39
C CYS B 48 1.46 6.22 -8.71
N SER B 49 0.87 6.81 -7.69
CA SER B 49 -0.29 7.66 -7.88
C SER B 49 -0.52 8.46 -6.63
N ILE B 50 -1.05 9.67 -6.81
CA ILE B 50 -1.43 10.52 -5.70
C ILE B 50 -2.74 10.06 -5.06
N CYS B 51 -3.49 9.20 -5.74
CA CYS B 51 -4.85 8.85 -5.33
C CYS B 51 -4.91 7.85 -4.18
N MET B 52 -3.77 7.37 -3.69
N MET B 52 -3.78 7.37 -3.67
CA MET B 52 -3.69 6.47 -2.54
CA MET B 52 -3.73 6.48 -2.51
C MET B 52 -4.54 5.22 -2.76
C MET B 52 -4.55 5.21 -2.75
N HIS B 53 -4.30 4.55 -3.88
CA HIS B 53 -4.92 3.26 -4.17
C HIS B 53 -3.91 2.36 -4.83
N TRP B 54 -4.04 1.06 -4.59
CA TRP B 54 -3.03 0.11 -5.00
C TRP B 54 -3.66 -1.22 -5.39
N LEU B 55 -2.88 -2.02 -6.13
CA LEU B 55 -3.22 -3.38 -6.52
C LEU B 55 -2.11 -4.34 -6.20
N ASN B 56 -2.43 -5.48 -5.59
CA ASN B 56 -1.46 -6.51 -5.25
C ASN B 56 -2.07 -7.89 -5.49
N THR B 57 -1.20 -8.87 -5.61
CA THR B 57 -1.58 -10.27 -5.70
C THR B 57 -1.16 -10.97 -4.42
N GLY B 58 -2.11 -11.61 -3.75
CA GLY B 58 -1.83 -12.30 -2.52
C GLY B 58 -1.00 -13.55 -2.72
N GLU B 59 -0.53 -14.10 -1.60
CA GLU B 59 0.24 -15.34 -1.63
C GLU B 59 -0.61 -16.52 -2.08
N ASP B 60 -1.94 -16.42 -1.94
CA ASP B 60 -2.86 -17.45 -2.39
C ASP B 60 -3.33 -17.24 -3.83
N GLY B 61 -2.80 -16.25 -4.54
CA GLY B 61 -3.25 -15.93 -5.88
C GLY B 61 -4.45 -15.00 -5.93
N GLY B 62 -4.98 -14.58 -4.79
CA GLY B 62 -6.06 -13.62 -4.78
C GLY B 62 -5.58 -12.22 -5.07
N LEU B 63 -6.48 -11.40 -5.61
CA LEU B 63 -6.17 -10.03 -5.99
C LEU B 63 -6.74 -9.06 -4.96
N ILE B 64 -5.94 -8.04 -4.63
CA ILE B 64 -6.23 -7.13 -3.53
C ILE B 64 -6.22 -5.70 -4.09
N PHE B 65 -7.33 -5.00 -3.90
CA PHE B 65 -7.41 -3.57 -4.17
C PHE B 65 -7.44 -2.83 -2.84
N SER B 66 -6.47 -1.94 -2.63
CA SER B 66 -6.33 -1.16 -1.40
C SER B 66 -6.62 0.31 -1.69
N ALA B 67 -7.37 0.97 -0.79
CA ALA B 67 -7.72 2.37 -0.94
C ALA B 67 -7.70 3.10 0.40
N GLY B 68 -6.93 4.19 0.49
CA GLY B 68 -7.02 5.06 1.65
C GLY B 68 -8.30 5.86 1.67
N TYR B 69 -8.78 6.17 2.88
CA TYR B 69 -10.04 6.90 3.02
C TYR B 69 -9.98 8.30 2.43
N GLU B 70 -8.80 8.91 2.35
CA GLU B 70 -8.67 10.27 1.83
C GLU B 70 -8.26 10.30 0.37
N GLY B 71 -8.44 9.19 -0.34
CA GLY B 71 -7.97 9.10 -1.71
C GLY B 71 -9.00 9.58 -2.72
N CYS B 72 -8.63 9.45 -3.98
CA CYS B 72 -9.45 9.97 -5.07
C CYS B 72 -10.77 9.23 -5.17
N HIS B 73 -11.83 10.00 -5.32
CA HIS B 73 -13.16 9.50 -5.63
C HIS B 73 -13.81 8.81 -4.44
N VAL B 74 -13.18 8.83 -3.27
CA VAL B 74 -13.85 8.42 -2.04
C VAL B 74 -14.76 9.57 -1.62
N LEU B 75 -16.04 9.27 -1.49
CA LEU B 75 -17.05 10.27 -1.17
C LEU B 75 -17.52 10.07 0.26
N VAL B 76 -18.03 11.15 0.85
CA VAL B 76 -18.67 11.10 2.15
C VAL B 76 -20.18 11.15 1.93
N LYS B 77 -20.89 10.09 2.33
CA LYS B 77 -22.33 10.00 2.20
C LYS B 77 -22.90 9.41 3.47
N ASP B 78 -23.85 10.11 4.07
CA ASP B 78 -24.49 9.65 5.31
C ASP B 78 -23.45 9.39 6.39
N GLY B 79 -22.48 10.28 6.50
CA GLY B 79 -21.44 10.13 7.50
C GLY B 79 -20.61 8.87 7.33
N ARG B 80 -20.35 8.48 6.09
CA ARG B 80 -19.58 7.28 5.82
C ARG B 80 -18.77 7.48 4.54
N TYR B 81 -17.61 6.82 4.48
CA TYR B 81 -16.81 6.81 3.27
C TYR B 81 -17.41 5.83 2.25
N VAL B 82 -17.49 6.26 1.00
CA VAL B 82 -18.06 5.44 -0.06
C VAL B 82 -17.11 5.47 -1.26
N LEU B 83 -16.75 4.29 -1.75
CA LEU B 83 -15.93 4.15 -2.94
C LEU B 83 -16.55 3.05 -3.80
N ARG B 84 -16.85 3.38 -5.05
CA ARG B 84 -17.45 2.45 -5.99
C ARG B 84 -16.37 1.93 -6.93
N VAL B 85 -16.31 0.61 -7.06
CA VAL B 85 -15.28 -0.06 -7.85
C VAL B 85 -15.97 -1.05 -8.77
N GLN B 86 -15.45 -1.16 -9.99
CA GLN B 86 -15.91 -2.17 -10.94
C GLN B 86 -14.87 -3.28 -11.03
N LEU B 87 -15.32 -4.52 -10.95
CA LEU B 87 -14.48 -5.70 -11.14
C LEU B 87 -14.83 -6.32 -12.48
N GLU B 88 -13.84 -6.48 -13.34
CA GLU B 88 -14.02 -7.11 -14.63
C GLU B 88 -13.31 -8.45 -14.59
N GLU B 89 -14.10 -9.52 -14.51
CA GLU B 89 -13.53 -10.86 -14.59
C GLU B 89 -13.15 -11.14 -16.04
N MET B 90 -11.91 -11.55 -16.26
CA MET B 90 -11.40 -11.65 -17.61
C MET B 90 -10.76 -13.01 -17.86
N LEU B 91 -11.03 -13.54 -19.05
CA LEU B 91 -10.41 -14.74 -19.58
C LEU B 91 -9.02 -14.45 -20.11
N LEU B 92 -8.21 -15.50 -20.24
CA LEU B 92 -6.86 -15.33 -20.75
C LEU B 92 -6.85 -14.78 -22.18
N SER B 93 -7.98 -14.85 -22.89
CA SER B 93 -8.06 -14.30 -24.23
C SER B 93 -8.16 -12.78 -24.25
N GLY B 94 -8.42 -12.14 -23.12
CA GLY B 94 -8.64 -10.71 -23.08
C GLY B 94 -10.10 -10.33 -23.08
N VAL B 95 -11.00 -11.31 -23.13
CA VAL B 95 -12.44 -11.06 -23.12
C VAL B 95 -12.91 -10.89 -21.69
N VAL B 96 -13.87 -9.99 -21.50
CA VAL B 96 -14.53 -9.82 -20.21
C VAL B 96 -15.58 -10.92 -20.07
N ALA B 97 -15.40 -11.79 -19.06
CA ALA B 97 -16.38 -12.84 -18.81
C ALA B 97 -17.54 -12.32 -17.96
N ALA B 98 -17.28 -11.44 -17.01
CA ALA B 98 -18.32 -10.92 -16.16
C ALA B 98 -17.88 -9.57 -15.60
N SER B 99 -18.86 -8.75 -15.24
CA SER B 99 -18.60 -7.44 -14.69
C SER B 99 -19.43 -7.25 -13.42
N TYR B 100 -18.76 -6.82 -12.35
CA TYR B 100 -19.39 -6.62 -11.07
C TYR B 100 -19.11 -5.20 -10.58
N GLU B 101 -20.08 -4.62 -9.89
CA GLU B 101 -19.95 -3.31 -9.28
C GLU B 101 -20.12 -3.46 -7.79
N VAL B 102 -19.24 -2.79 -7.02
CA VAL B 102 -19.24 -2.89 -5.57
C VAL B 102 -19.16 -1.49 -4.99
N GLN B 103 -20.01 -1.20 -4.02
CA GLN B 103 -19.99 0.05 -3.28
C GLN B 103 -19.42 -0.27 -1.90
N MET B 104 -18.16 0.12 -1.68
CA MET B 104 -17.53 -0.09 -0.40
C MET B 104 -17.93 1.04 0.54
N THR B 105 -18.66 0.68 1.60
CA THR B 105 -19.19 1.64 2.56
C THR B 105 -18.53 1.36 3.91
N CYS B 106 -17.87 2.37 4.45
CA CYS B 106 -17.11 2.21 5.68
C CYS B 106 -17.43 3.36 6.62
N PRO B 107 -17.47 3.11 7.93
CA PRO B 107 -17.90 4.15 8.86
C PRO B 107 -16.91 5.30 8.90
N ARG B 108 -17.45 6.48 9.18
CA ARG B 108 -16.68 7.70 9.32
C ARG B 108 -17.01 8.35 10.66
N PRO B 109 -16.06 9.02 11.30
CA PRO B 109 -16.35 9.58 12.63
C PRO B 109 -17.01 10.94 12.56
N ALA B 110 -18.10 11.10 13.30
CA ALA B 110 -18.68 12.42 13.50
C ALA B 110 -17.82 13.21 14.46
N GLY B 111 -17.49 14.45 14.10
CA GLY B 111 -16.64 15.25 14.95
C GLY B 111 -17.22 15.52 16.32
N TYR B 112 -16.52 16.32 17.12
CA TYR B 112 -17.00 16.69 18.45
C TYR B 112 -18.28 17.54 18.41
N GLU B 113 -18.65 18.06 17.24
CA GLU B 113 -19.87 18.84 17.13
C GLU B 113 -21.12 18.02 17.45
N ILE B 114 -21.04 16.69 17.36
CA ILE B 114 -22.19 15.84 17.66
C ILE B 114 -22.67 16.05 19.08
N LEU B 115 -21.79 16.49 19.98
CA LEU B 115 -22.15 16.74 21.37
C LEU B 115 -22.60 18.17 21.61
N ARG B 116 -22.93 18.92 20.55
CA ARG B 116 -23.35 20.32 20.64
C ARG B 116 -24.00 20.67 21.98
C1 NAG C . 15.71 6.37 -7.89
C2 NAG C . 16.78 6.01 -8.92
C3 NAG C . 18.17 6.33 -8.35
C4 NAG C . 18.21 7.80 -7.95
C5 NAG C . 17.06 8.12 -6.99
C6 NAG C . 16.97 9.58 -6.64
C7 NAG C . 16.70 3.50 -8.71
C8 NAG C . 16.87 3.59 -7.23
N2 NAG C . 16.69 4.65 -9.42
O3 NAG C . 19.15 6.07 -9.35
O4 NAG C . 19.44 8.12 -7.31
O5 NAG C . 15.80 7.75 -7.58
O6 NAG C . 16.72 10.38 -7.80
O7 NAG C . 16.59 2.41 -9.27
C1 GOL D . 4.79 2.76 -6.48
O1 GOL D . 5.29 2.05 -7.58
C2 GOL D . 5.34 2.18 -5.18
O2 GOL D . 4.28 1.61 -4.43
C3 GOL D . 6.02 3.27 -4.37
O3 GOL D . 6.88 2.68 -3.40
C1 NAG E . 1.68 -2.81 -7.59
C2 NAG E . 1.59 -3.44 -8.98
C3 NAG E . 1.45 -4.96 -8.88
C4 NAG E . 2.55 -5.54 -8.00
C5 NAG E . 2.57 -4.84 -6.64
C6 NAG E . 3.70 -5.30 -5.76
C7 NAG E . 0.60 -1.88 -10.64
C8 NAG E . 1.98 -1.34 -10.88
N2 NAG E . 0.49 -2.88 -9.73
O3 NAG E . 1.50 -5.52 -10.18
O4 NAG E . 2.33 -6.94 -7.83
O5 NAG E . 2.74 -3.43 -6.84
O6 NAG E . 3.68 -4.66 -4.49
O7 NAG E . -0.38 -1.45 -11.24
#